data_8K3N
#
_entry.id   8K3N
#
_entity_poly.entity_id   1
_entity_poly.type   'polypeptide(L)'
_entity_poly.pdbx_seq_one_letter_code
;LVSGCNFVYVKPCRGGR
;
_entity_poly.pdbx_strand_id   A
#
# COMPACT_ATOMS: atom_id res chain seq x y z
N LEU A 1 0.74 1.19 -5.37
CA LEU A 1 0.83 -0.25 -5.68
C LEU A 1 -0.60 -0.85 -5.68
N VAL A 2 -0.70 -2.14 -6.02
CA VAL A 2 -1.97 -2.91 -5.94
C VAL A 2 -1.77 -4.17 -5.07
N SER A 3 -0.62 -4.84 -5.26
CA SER A 3 -0.29 -6.09 -4.57
C SER A 3 0.73 -5.80 -3.46
N GLY A 4 0.31 -5.94 -2.19
CA GLY A 4 1.18 -5.67 -1.05
C GLY A 4 1.29 -4.18 -0.75
N CYS A 5 0.69 -3.74 0.36
CA CYS A 5 0.74 -2.33 0.77
C CYS A 5 1.96 -2.11 1.69
N ASN A 6 2.91 -1.27 1.21
CA ASN A 6 4.06 -0.82 2.02
C ASN A 6 3.58 -0.04 3.25
N PHE A 7 2.53 0.79 3.05
CA PHE A 7 1.83 1.48 4.15
C PHE A 7 0.84 0.49 4.80
N VAL A 8 0.61 0.66 6.10
CA VAL A 8 -0.26 -0.23 6.89
C VAL A 8 -1.71 -0.26 6.33
N TYR A 9 -2.11 -1.44 5.80
CA TYR A 9 -3.50 -1.81 5.37
C TYR A 9 -4.30 -0.69 4.65
N VAL A 10 -3.60 0.09 3.82
CA VAL A 10 -4.23 1.15 2.98
C VAL A 10 -4.85 0.53 1.72
N LYS A 11 -5.88 1.19 1.17
CA LYS A 11 -6.52 0.76 -0.09
C LYS A 11 -6.77 2.00 -0.99
N PRO A 12 -6.10 2.13 -2.19
CA PRO A 12 -5.09 1.15 -2.72
C PRO A 12 -3.76 1.21 -1.94
N CYS A 13 -2.80 0.36 -2.34
CA CYS A 13 -1.49 0.24 -1.65
C CYS A 13 -0.56 1.45 -1.93
N ARG A 14 -0.97 2.64 -1.44
CA ARG A 14 -0.15 3.86 -1.50
C ARG A 14 1.08 3.74 -0.57
N GLY A 15 2.00 4.71 -0.70
CA GLY A 15 3.29 4.64 -0.02
C GLY A 15 4.31 3.87 -0.85
N GLY A 16 4.21 4.02 -2.18
CA GLY A 16 5.10 3.34 -3.12
C GLY A 16 5.32 4.18 -4.38
N ARG A 17 5.15 5.51 -4.26
CA ARG A 17 5.35 6.48 -5.36
C ARG A 17 5.73 7.87 -4.79
N LEU A 1 -0.65 1.01 -4.73
CA LEU A 1 -0.17 -0.25 -5.34
C LEU A 1 -1.33 -1.27 -5.39
N VAL A 2 -1.21 -2.29 -6.25
CA VAL A 2 -2.17 -3.43 -6.28
C VAL A 2 -1.70 -4.52 -5.27
N SER A 3 -0.37 -4.70 -5.19
CA SER A 3 0.30 -5.74 -4.39
C SER A 3 1.34 -5.09 -3.47
N GLY A 4 1.44 -5.62 -2.23
CA GLY A 4 2.44 -5.16 -1.25
C GLY A 4 2.05 -3.87 -0.56
N CYS A 5 1.34 -3.97 0.57
CA CYS A 5 0.87 -2.81 1.33
C CYS A 5 1.99 -2.38 2.31
N ASN A 6 2.58 -1.20 2.05
CA ASN A 6 3.77 -0.72 2.81
C ASN A 6 3.37 -0.23 4.21
N PHE A 7 2.10 0.20 4.38
CA PHE A 7 1.52 0.50 5.69
C PHE A 7 0.66 -0.68 6.18
N VAL A 8 0.33 -0.69 7.49
CA VAL A 8 -0.45 -1.75 8.12
C VAL A 8 -1.88 -1.85 7.54
N TYR A 9 -2.20 -3.03 6.94
CA TYR A 9 -3.54 -3.45 6.43
C TYR A 9 -4.31 -2.37 5.63
N VAL A 10 -3.60 -1.48 4.94
CA VAL A 10 -4.22 -0.35 4.20
C VAL A 10 -4.93 -0.80 2.91
N LYS A 11 -5.98 -0.04 2.53
CA LYS A 11 -6.70 -0.19 1.24
C LYS A 11 -6.66 1.17 0.48
N PRO A 12 -6.01 1.27 -0.74
CA PRO A 12 -5.26 0.16 -1.38
C PRO A 12 -3.85 0.01 -0.75
N CYS A 13 -2.92 -0.68 -1.44
CA CYS A 13 -1.58 -1.03 -0.88
C CYS A 13 -0.57 0.14 -0.90
N ARG A 14 -1.01 1.30 -0.36
CA ARG A 14 -0.23 2.56 -0.36
C ARG A 14 1.04 2.50 0.52
N GLY A 15 1.90 3.52 0.31
CA GLY A 15 3.16 3.65 1.03
C GLY A 15 4.36 3.48 0.11
N GLY A 16 4.15 2.81 -1.04
CA GLY A 16 5.23 2.46 -1.98
C GLY A 16 5.56 3.57 -2.96
N ARG A 17 5.67 4.80 -2.43
CA ARG A 17 6.04 6.01 -3.16
C ARG A 17 6.27 7.17 -2.16
N LEU A 1 1.62 1.16 -5.40
CA LEU A 1 2.02 -0.20 -4.95
C LEU A 1 0.85 -1.16 -5.15
N VAL A 2 1.03 -2.12 -6.09
CA VAL A 2 0.04 -3.19 -6.37
C VAL A 2 -0.01 -4.20 -5.18
N SER A 3 1.15 -4.39 -4.51
CA SER A 3 1.29 -5.27 -3.34
C SER A 3 2.34 -4.66 -2.38
N GLY A 4 2.35 -5.16 -1.13
CA GLY A 4 3.28 -4.68 -0.10
C GLY A 4 2.85 -3.33 0.46
N CYS A 5 1.99 -3.37 1.50
CA CYS A 5 1.43 -2.16 2.13
C CYS A 5 2.36 -1.69 3.24
N ASN A 6 2.97 -0.52 3.03
CA ASN A 6 3.98 0.07 3.95
C ASN A 6 3.34 0.45 5.29
N PHE A 7 2.14 1.08 5.23
CA PHE A 7 1.31 1.30 6.42
C PHE A 7 0.64 -0.04 6.83
N VAL A 8 0.31 -0.16 8.12
CA VAL A 8 -0.26 -1.38 8.70
C VAL A 8 -1.70 -1.66 8.17
N TYR A 9 -1.86 -2.86 7.56
CA TYR A 9 -3.13 -3.42 7.05
C TYR A 9 -4.04 -2.43 6.27
N VAL A 10 -3.42 -1.50 5.51
CA VAL A 10 -4.18 -0.51 4.71
C VAL A 10 -4.51 -1.04 3.30
N LYS A 11 -5.57 -0.48 2.72
CA LYS A 11 -6.02 -0.79 1.36
C LYS A 11 -6.31 0.55 0.63
N PRO A 12 -5.60 0.88 -0.50
CA PRO A 12 -4.53 0.06 -1.12
C PRO A 12 -3.19 0.18 -0.37
N CYS A 13 -2.10 -0.32 -0.99
CA CYS A 13 -0.76 -0.38 -0.39
C CYS A 13 0.00 0.96 -0.48
N ARG A 14 -0.71 2.07 -0.17
CA ARG A 14 -0.14 3.42 -0.11
C ARG A 14 0.92 3.53 1.01
N GLY A 15 1.80 4.55 0.91
CA GLY A 15 2.86 4.76 1.90
C GLY A 15 4.24 4.37 1.39
N GLY A 16 4.33 3.94 0.13
CA GLY A 16 5.61 3.55 -0.47
C GLY A 16 5.92 4.37 -1.71
N ARG A 17 5.58 5.65 -1.66
CA ARG A 17 5.77 6.60 -2.77
C ARG A 17 5.93 8.05 -2.20
N LEU A 1 1.08 1.04 -6.02
CA LEU A 1 1.42 -0.40 -5.99
C LEU A 1 0.11 -1.21 -5.96
N VAL A 2 -0.10 -2.07 -6.96
CA VAL A 2 -1.25 -2.99 -6.99
C VAL A 2 -0.97 -4.21 -6.07
N SER A 3 0.33 -4.53 -5.91
CA SER A 3 0.82 -5.65 -5.08
C SER A 3 1.92 -5.13 -4.14
N GLY A 4 2.04 -5.74 -2.94
CA GLY A 4 3.06 -5.36 -1.95
C GLY A 4 2.77 -4.03 -1.27
N CYS A 5 2.06 -4.06 -0.13
CA CYS A 5 1.72 -2.85 0.63
C CYS A 5 2.86 -2.53 1.62
N ASN A 6 3.54 -1.39 1.37
CA ASN A 6 4.68 -0.95 2.18
C ASN A 6 4.18 -0.40 3.53
N PHE A 7 3.02 0.30 3.49
CA PHE A 7 2.30 0.69 4.70
C PHE A 7 1.39 -0.48 5.12
N VAL A 8 1.18 -0.64 6.43
CA VAL A 8 0.40 -1.75 7.00
C VAL A 8 -1.11 -1.62 6.64
N TYR A 9 -1.68 -2.77 6.18
CA TYR A 9 -3.13 -2.98 5.91
C TYR A 9 -3.87 -1.82 5.18
N VAL A 10 -3.17 -1.13 4.28
CA VAL A 10 -3.77 -0.06 3.43
C VAL A 10 -4.32 -0.65 2.11
N LYS A 11 -5.50 -0.16 1.66
CA LYS A 11 -6.04 -0.45 0.32
C LYS A 11 -6.28 0.91 -0.40
N PRO A 12 -5.58 1.20 -1.56
CA PRO A 12 -4.50 0.34 -2.15
C PRO A 12 -3.16 0.48 -1.39
N CYS A 13 -2.07 -0.09 -1.96
CA CYS A 13 -0.74 -0.17 -1.31
C CYS A 13 0.03 1.17 -1.36
N ARG A 14 -0.59 2.23 -0.81
CA ARG A 14 0.04 3.55 -0.60
C ARG A 14 1.17 3.46 0.45
N GLY A 15 1.95 4.55 0.58
CA GLY A 15 3.10 4.60 1.49
C GLY A 15 4.39 4.24 0.75
N GLY A 16 4.29 3.28 -0.19
CA GLY A 16 5.37 2.93 -1.12
C GLY A 16 5.46 3.88 -2.31
N ARG A 17 4.57 4.88 -2.34
CA ARG A 17 4.58 5.97 -3.33
C ARG A 17 3.95 7.23 -2.67
N LEU A 1 1.46 1.35 -5.52
CA LEU A 1 1.62 -0.07 -5.89
C LEU A 1 0.23 -0.70 -6.10
N VAL A 2 0.16 -1.69 -7.01
CA VAL A 2 -1.06 -2.50 -7.24
C VAL A 2 -1.04 -3.75 -6.35
N SER A 3 0.18 -4.19 -5.99
CA SER A 3 0.42 -5.37 -5.15
C SER A 3 1.45 -5.01 -4.06
N GLY A 4 1.23 -5.51 -2.84
CA GLY A 4 2.11 -5.24 -1.69
C GLY A 4 2.01 -3.79 -1.19
N CYS A 5 1.30 -3.58 -0.06
CA CYS A 5 1.13 -2.23 0.53
C CYS A 5 2.30 -1.92 1.48
N ASN A 6 2.97 -0.77 1.28
CA ASN A 6 4.13 -0.35 2.10
C ASN A 6 3.74 -0.14 3.56
N PHE A 7 2.64 0.60 3.78
CA PHE A 7 2.03 0.76 5.11
C PHE A 7 1.05 -0.41 5.38
N VAL A 8 0.82 -0.73 6.66
CA VAL A 8 -0.08 -1.83 7.05
C VAL A 8 -1.56 -1.41 6.97
N TYR A 9 -2.40 -2.40 6.58
CA TYR A 9 -3.88 -2.32 6.37
C TYR A 9 -4.40 -1.13 5.53
N VAL A 10 -3.52 -0.44 4.77
CA VAL A 10 -3.94 0.68 3.90
C VAL A 10 -4.49 0.13 2.56
N LYS A 11 -5.64 0.68 2.12
CA LYS A 11 -6.32 0.26 0.88
C LYS A 11 -6.58 1.53 0.02
N PRO A 12 -6.03 1.66 -1.24
CA PRO A 12 -5.15 0.64 -1.89
C PRO A 12 -3.70 0.67 -1.38
N CYS A 13 -2.78 -0.01 -2.10
CA CYS A 13 -1.35 -0.13 -1.72
C CYS A 13 -0.55 1.16 -2.06
N ARG A 14 -0.94 2.27 -1.43
CA ARG A 14 -0.17 3.52 -1.43
C ARG A 14 1.14 3.38 -0.61
N GLY A 15 2.01 4.38 -0.75
CA GLY A 15 3.30 4.39 -0.04
C GLY A 15 4.47 4.05 -0.94
N GLY A 16 4.21 3.70 -2.21
CA GLY A 16 5.26 3.27 -3.16
C GLY A 16 5.97 4.43 -3.83
N ARG A 17 6.32 5.46 -3.05
CA ARG A 17 6.99 6.68 -3.51
C ARG A 17 7.74 7.31 -2.30
N LEU A 1 1.66 -0.20 -5.52
CA LEU A 1 1.88 -1.64 -5.70
C LEU A 1 0.55 -2.31 -6.05
N VAL A 2 0.59 -3.32 -6.94
CA VAL A 2 -0.60 -4.15 -7.26
C VAL A 2 -0.75 -5.27 -6.20
N SER A 3 0.39 -5.69 -5.62
CA SER A 3 0.45 -6.75 -4.60
C SER A 3 1.51 -6.40 -3.55
N GLY A 4 1.21 -6.67 -2.26
CA GLY A 4 2.14 -6.39 -1.15
C GLY A 4 2.12 -4.91 -0.77
N CYS A 5 1.56 -4.59 0.41
CA CYS A 5 1.38 -3.19 0.85
C CYS A 5 2.64 -2.70 1.58
N ASN A 6 3.23 -1.61 1.05
CA ASN A 6 4.42 -0.95 1.61
C ASN A 6 4.13 -0.41 3.03
N PHE A 7 3.10 0.44 3.14
CA PHE A 7 2.54 0.85 4.44
C PHE A 7 1.79 -0.33 5.07
N VAL A 8 1.76 -0.38 6.40
CA VAL A 8 1.21 -1.51 7.15
C VAL A 8 -0.31 -1.67 6.90
N TYR A 9 -0.68 -2.87 6.37
CA TYR A 9 -2.08 -3.36 6.18
C TYR A 9 -3.07 -2.36 5.51
N VAL A 10 -2.55 -1.43 4.67
CA VAL A 10 -3.38 -0.42 3.95
C VAL A 10 -4.19 -1.04 2.77
N LYS A 11 -5.25 -0.32 2.36
CA LYS A 11 -6.12 -0.71 1.22
C LYS A 11 -6.32 0.56 0.33
N PRO A 12 -5.90 0.57 -0.98
CA PRO A 12 -5.07 -0.50 -1.62
C PRO A 12 -3.59 -0.49 -1.15
N CYS A 13 -2.74 -1.28 -1.81
CA CYS A 13 -1.30 -1.38 -1.47
C CYS A 13 -0.48 -0.18 -1.99
N ARG A 14 -0.81 1.01 -1.42
CA ARG A 14 -0.05 2.25 -1.63
C ARG A 14 1.33 2.20 -0.93
N GLY A 15 2.18 3.19 -1.25
CA GLY A 15 3.51 3.31 -0.65
C GLY A 15 4.63 3.25 -1.67
N GLY A 16 4.26 3.16 -2.96
CA GLY A 16 5.23 3.15 -4.06
C GLY A 16 5.54 4.55 -4.54
N ARG A 17 5.61 5.52 -3.60
CA ARG A 17 5.85 6.94 -3.86
C ARG A 17 6.85 7.48 -2.80
N LEU A 1 -0.14 1.17 -5.19
CA LEU A 1 0.47 -0.13 -5.51
C LEU A 1 -0.63 -1.17 -5.75
N VAL A 2 -0.49 -1.94 -6.84
CA VAL A 2 -1.41 -3.05 -7.19
C VAL A 2 -0.94 -4.36 -6.50
N SER A 3 0.38 -4.43 -6.22
CA SER A 3 1.02 -5.51 -5.47
C SER A 3 1.91 -4.88 -4.38
N GLY A 4 1.76 -5.34 -3.12
CA GLY A 4 2.49 -4.76 -1.99
C GLY A 4 1.74 -3.58 -1.36
N CYS A 5 1.95 -3.35 -0.06
CA CYS A 5 1.23 -2.29 0.70
C CYS A 5 2.17 -1.75 1.78
N ASN A 6 2.67 -0.51 1.61
CA ASN A 6 3.57 0.14 2.58
C ASN A 6 2.84 0.38 3.91
N PHE A 7 1.72 1.12 3.81
CA PHE A 7 0.76 1.24 4.91
C PHE A 7 -0.18 0.02 4.85
N VAL A 8 -0.39 -0.63 5.99
CA VAL A 8 -1.19 -1.87 6.08
C VAL A 8 -2.71 -1.57 6.00
N TYR A 9 -3.44 -2.48 5.31
CA TYR A 9 -4.92 -2.51 5.14
C TYR A 9 -5.56 -1.19 4.64
N VAL A 10 -4.75 -0.26 4.10
CA VAL A 10 -5.26 1.03 3.59
C VAL A 10 -5.88 0.87 2.19
N LYS A 11 -6.79 1.78 1.83
CA LYS A 11 -7.51 1.75 0.54
C LYS A 11 -7.17 3.02 -0.27
N PRO A 12 -6.47 2.92 -1.45
CA PRO A 12 -5.72 1.71 -1.89
C PRO A 12 -4.32 1.66 -1.22
N CYS A 13 -3.42 0.81 -1.74
CA CYS A 13 -2.06 0.63 -1.17
C CYS A 13 -1.11 1.79 -1.57
N ARG A 14 -1.34 2.93 -0.93
CA ARG A 14 -0.47 4.13 -0.99
C ARG A 14 0.89 3.90 -0.28
N GLY A 15 1.82 4.86 -0.47
CA GLY A 15 3.11 4.88 0.23
C GLY A 15 4.30 4.57 -0.66
N GLY A 16 4.06 3.80 -1.74
CA GLY A 16 5.15 3.33 -2.61
C GLY A 16 5.28 4.13 -3.89
N ARG A 17 5.50 5.45 -3.76
CA ARG A 17 5.71 6.36 -4.91
C ARG A 17 6.70 7.51 -4.50
N LEU A 1 1.10 1.27 -6.29
CA LEU A 1 1.56 -0.08 -5.93
C LEU A 1 0.64 -1.13 -6.55
N VAL A 2 1.19 -1.93 -7.49
CA VAL A 2 0.46 -3.03 -8.16
C VAL A 2 0.08 -4.15 -7.15
N SER A 3 0.91 -4.30 -6.10
CA SER A 3 0.70 -5.27 -5.00
C SER A 3 1.72 -5.01 -3.89
N GLY A 4 1.44 -5.53 -2.67
CA GLY A 4 2.34 -5.35 -1.51
C GLY A 4 2.18 -3.98 -0.86
N CYS A 5 1.51 -3.93 0.30
CA CYS A 5 1.22 -2.66 1.00
C CYS A 5 2.36 -2.27 1.98
N ASN A 6 2.78 -1.00 1.90
CA ASN A 6 3.78 -0.40 2.81
C ASN A 6 3.32 -0.51 4.27
N PHE A 7 2.13 0.05 4.55
CA PHE A 7 1.46 -0.10 5.84
C PHE A 7 0.68 -1.44 5.83
N VAL A 8 0.57 -2.10 6.98
CA VAL A 8 -0.16 -3.37 7.09
C VAL A 8 -1.69 -3.11 7.25
N TYR A 9 -2.49 -4.10 6.80
CA TYR A 9 -4.00 -4.10 6.80
C TYR A 9 -4.66 -2.87 6.11
N VAL A 10 -3.91 -2.09 5.31
CA VAL A 10 -4.46 -0.88 4.65
C VAL A 10 -4.95 -1.18 3.23
N LYS A 11 -5.92 -0.37 2.77
CA LYS A 11 -6.45 -0.42 1.40
C LYS A 11 -6.65 1.03 0.91
N PRO A 12 -5.97 1.49 -0.19
CA PRO A 12 -5.00 0.71 -1.00
C PRO A 12 -3.61 0.62 -0.32
N CYS A 13 -2.59 0.20 -1.09
CA CYS A 13 -1.22 -0.02 -0.59
C CYS A 13 -0.41 1.29 -0.50
N ARG A 14 -1.08 2.39 -0.16
CA ARG A 14 -0.48 3.74 -0.07
C ARG A 14 0.66 3.82 0.98
N GLY A 15 1.51 4.85 0.83
CA GLY A 15 2.69 5.03 1.67
C GLY A 15 3.95 4.45 1.03
N GLY A 16 3.78 3.57 0.02
CA GLY A 16 4.88 2.80 -0.59
C GLY A 16 5.46 3.43 -1.84
N ARG A 17 5.22 4.74 -2.04
CA ARG A 17 5.66 5.46 -3.25
C ARG A 17 5.84 6.96 -2.93
N LEU A 1 0.98 0.77 -4.92
CA LEU A 1 1.46 -0.51 -5.46
C LEU A 1 0.26 -1.36 -5.87
N VAL A 2 0.43 -2.22 -6.88
CA VAL A 2 -0.62 -3.14 -7.36
C VAL A 2 -0.82 -4.31 -6.36
N SER A 3 0.21 -4.61 -5.56
CA SER A 3 0.17 -5.62 -4.50
C SER A 3 1.09 -5.19 -3.35
N GLY A 4 0.77 -5.63 -2.11
CA GLY A 4 1.61 -5.35 -0.93
C GLY A 4 1.52 -3.90 -0.48
N CYS A 5 0.69 -3.63 0.55
CA CYS A 5 0.54 -2.28 1.13
C CYS A 5 1.63 -2.05 2.21
N ASN A 6 2.39 -0.95 2.06
CA ASN A 6 3.47 -0.56 3.01
C ASN A 6 2.86 -0.29 4.39
N PHE A 7 1.69 0.36 4.39
CA PHE A 7 0.82 0.49 5.56
C PHE A 7 -0.29 -0.58 5.40
N VAL A 8 -0.34 -1.56 6.32
CA VAL A 8 -1.28 -2.70 6.25
C VAL A 8 -2.76 -2.24 6.30
N TYR A 9 -3.62 -2.97 5.55
CA TYR A 9 -5.11 -2.76 5.44
C TYR A 9 -5.56 -1.32 5.06
N VAL A 10 -4.64 -0.44 4.60
CA VAL A 10 -5.01 0.90 4.09
C VAL A 10 -5.33 0.80 2.59
N LYS A 11 -6.18 1.72 2.09
CA LYS A 11 -6.60 1.75 0.68
C LYS A 11 -6.10 3.05 0.02
N PRO A 12 -5.29 2.98 -1.09
CA PRO A 12 -4.72 1.74 -1.69
C PRO A 12 -3.37 1.35 -1.04
N CYS A 13 -2.54 0.54 -1.75
CA CYS A 13 -1.19 0.15 -1.28
C CYS A 13 -0.14 1.27 -1.47
N ARG A 14 -0.41 2.40 -0.83
CA ARG A 14 0.47 3.58 -0.76
C ARG A 14 1.76 3.31 0.07
N GLY A 15 2.70 4.26 -0.01
CA GLY A 15 3.97 4.21 0.71
C GLY A 15 5.15 4.02 -0.24
N GLY A 16 4.97 3.14 -1.24
CA GLY A 16 5.98 2.91 -2.27
C GLY A 16 5.79 3.82 -3.49
N ARG A 17 5.57 5.13 -3.24
CA ARG A 17 5.33 6.13 -4.30
C ARG A 17 5.83 7.53 -3.81
N LEU A 1 0.44 1.09 -4.91
CA LEU A 1 0.77 -0.31 -5.23
C LEU A 1 -0.51 -1.16 -5.32
N VAL A 2 -0.49 -2.21 -6.16
CA VAL A 2 -1.63 -3.16 -6.29
C VAL A 2 -1.38 -4.43 -5.44
N SER A 3 -0.16 -4.52 -4.86
CA SER A 3 0.27 -5.66 -4.05
C SER A 3 1.24 -5.18 -2.96
N GLY A 4 0.84 -5.33 -1.69
CA GLY A 4 1.66 -4.95 -0.54
C GLY A 4 1.54 -3.46 -0.20
N CYS A 5 0.87 -3.14 0.91
CA CYS A 5 0.74 -1.76 1.41
C CYS A 5 1.94 -1.41 2.31
N ASN A 6 2.58 -0.24 2.07
CA ASN A 6 3.70 0.24 2.91
C ASN A 6 3.20 0.60 4.32
N PHE A 7 1.98 1.15 4.39
CA PHE A 7 1.27 1.38 5.66
C PHE A 7 0.38 0.15 5.96
N VAL A 8 0.41 -0.34 7.21
CA VAL A 8 -0.34 -1.56 7.60
C VAL A 8 -1.87 -1.39 7.41
N TYR A 9 -2.49 -2.42 6.78
CA TYR A 9 -3.96 -2.59 6.57
C TYR A 9 -4.73 -1.31 6.18
N VAL A 10 -4.10 -0.44 5.37
CA VAL A 10 -4.76 0.75 4.78
C VAL A 10 -5.34 0.43 3.39
N LYS A 11 -6.15 1.36 2.86
CA LYS A 11 -6.69 1.30 1.50
C LYS A 11 -6.58 2.71 0.90
N PRO A 12 -5.87 2.92 -0.27
CA PRO A 12 -5.16 1.86 -1.03
C PRO A 12 -3.75 1.56 -0.47
N CYS A 13 -2.95 0.76 -1.23
CA CYS A 13 -1.57 0.38 -0.84
C CYS A 13 -0.56 1.49 -1.19
N ARG A 14 -0.82 2.67 -0.62
CA ARG A 14 0.02 3.87 -0.75
C ARG A 14 1.39 3.72 -0.05
N GLY A 15 2.31 4.64 -0.38
CA GLY A 15 3.64 4.68 0.22
C GLY A 15 4.73 4.35 -0.79
N GLY A 16 4.45 3.38 -1.69
CA GLY A 16 5.41 2.96 -2.70
C GLY A 16 5.31 3.77 -3.99
N ARG A 17 5.30 5.10 -3.85
CA ARG A 17 5.27 6.03 -5.00
C ARG A 17 6.70 6.61 -5.20
N LEU A 1 1.04 2.02 -5.19
CA LEU A 1 1.74 0.72 -5.04
C LEU A 1 0.74 -0.42 -5.35
N VAL A 2 1.02 -1.21 -6.40
CA VAL A 2 0.19 -2.38 -6.80
C VAL A 2 0.72 -3.68 -6.14
N SER A 3 1.99 -3.67 -5.73
CA SER A 3 2.64 -4.84 -5.12
C SER A 3 2.95 -4.56 -3.63
N GLY A 4 2.06 -5.00 -2.73
CA GLY A 4 2.24 -4.87 -1.28
C GLY A 4 1.95 -3.46 -0.75
N CYS A 5 1.39 -3.38 0.47
CA CYS A 5 1.12 -2.10 1.16
C CYS A 5 2.33 -1.72 2.06
N ASN A 6 2.85 -0.50 1.85
CA ASN A 6 4.01 0.03 2.61
C ASN A 6 3.60 0.30 4.06
N PHE A 7 2.46 0.99 4.22
CA PHE A 7 1.80 1.12 5.53
C PHE A 7 0.78 -0.01 5.68
N VAL A 8 0.64 -0.54 6.90
CA VAL A 8 -0.27 -1.67 7.19
C VAL A 8 -1.73 -1.19 7.29
N TYR A 9 -2.67 -2.08 6.89
CA TYR A 9 -4.16 -1.87 6.88
C TYR A 9 -4.64 -0.53 6.27
N VAL A 10 -3.82 0.11 5.40
CA VAL A 10 -4.23 1.31 4.65
C VAL A 10 -4.88 0.91 3.32
N LYS A 11 -5.72 1.80 2.79
CA LYS A 11 -6.43 1.59 1.52
C LYS A 11 -6.30 2.89 0.69
N PRO A 12 -5.63 2.87 -0.52
CA PRO A 12 -4.97 1.67 -1.11
C PRO A 12 -3.60 1.37 -0.45
N CYS A 13 -2.70 0.66 -1.15
CA CYS A 13 -1.34 0.32 -0.63
C CYS A 13 -0.36 1.54 -0.61
N ARG A 14 -0.89 2.74 -0.30
CA ARG A 14 -0.15 4.02 -0.26
C ARG A 14 0.94 4.04 0.84
N GLY A 15 1.76 5.10 0.79
CA GLY A 15 2.86 5.30 1.74
C GLY A 15 4.22 5.00 1.13
N GLY A 16 4.37 5.29 -0.18
CA GLY A 16 5.64 5.06 -0.88
C GLY A 16 5.68 5.74 -2.23
N ARG A 17 5.03 6.91 -2.36
CA ARG A 17 5.02 7.75 -3.57
C ARG A 17 5.37 9.19 -3.17
N LEU A 1 0.63 0.15 -5.38
CA LEU A 1 1.18 -1.22 -5.32
C LEU A 1 0.04 -2.24 -5.52
N VAL A 2 0.24 -3.19 -6.45
CA VAL A 2 -0.76 -4.25 -6.74
C VAL A 2 -0.57 -5.43 -5.76
N SER A 3 0.60 -5.50 -5.10
CA SER A 3 0.95 -6.58 -4.17
C SER A 3 1.74 -6.02 -2.97
N GLY A 4 1.17 -6.15 -1.76
CA GLY A 4 1.85 -5.75 -0.51
C GLY A 4 1.78 -4.24 -0.26
N CYS A 5 1.18 -3.85 0.87
CA CYS A 5 1.12 -2.44 1.30
C CYS A 5 2.35 -2.10 2.15
N ASN A 6 2.96 -0.93 1.91
CA ASN A 6 4.14 -0.46 2.67
C ASN A 6 3.76 -0.04 4.11
N PHE A 7 2.48 0.29 4.32
CA PHE A 7 1.93 0.52 5.67
C PHE A 7 1.07 -0.67 6.10
N VAL A 8 0.77 -0.73 7.41
CA VAL A 8 0.01 -1.85 7.98
C VAL A 8 -1.49 -1.77 7.61
N TYR A 9 -1.93 -2.78 6.83
CA TYR A 9 -3.34 -3.06 6.45
C TYR A 9 -4.13 -1.88 5.83
N VAL A 10 -3.44 -0.82 5.37
CA VAL A 10 -4.10 0.40 4.82
C VAL A 10 -4.70 0.13 3.43
N LYS A 11 -5.74 0.93 3.08
CA LYS A 11 -6.38 0.88 1.77
C LYS A 11 -6.18 2.25 1.08
N PRO A 12 -5.50 2.33 -0.12
CA PRO A 12 -4.89 1.16 -0.82
C PRO A 12 -3.47 0.88 -0.31
N CYS A 13 -2.68 0.18 -1.11
CA CYS A 13 -1.26 -0.07 -0.80
C CYS A 13 -0.38 1.15 -1.16
N ARG A 14 -0.70 2.29 -0.52
CA ARG A 14 0.10 3.52 -0.58
C ARG A 14 1.45 3.36 0.18
N GLY A 15 2.35 4.34 0.00
CA GLY A 15 3.65 4.36 0.67
C GLY A 15 4.80 3.85 -0.20
N GLY A 16 4.46 3.15 -1.30
CA GLY A 16 5.45 2.51 -2.16
C GLY A 16 5.79 3.30 -3.40
N ARG A 17 4.90 4.24 -3.80
CA ARG A 17 5.10 5.06 -5.01
C ARG A 17 6.04 6.27 -4.72
N LEU A 1 -0.30 0.61 -6.42
CA LEU A 1 0.07 -0.60 -5.66
C LEU A 1 -1.20 -1.44 -5.43
N VAL A 2 -1.30 -2.59 -6.13
CA VAL A 2 -2.43 -3.53 -6.03
C VAL A 2 -2.06 -4.78 -5.19
N SER A 3 -0.76 -5.01 -4.98
CA SER A 3 -0.23 -6.20 -4.28
C SER A 3 0.94 -5.79 -3.37
N GLY A 4 0.87 -6.20 -2.08
CA GLY A 4 1.89 -5.83 -1.09
C GLY A 4 1.71 -4.38 -0.62
N CYS A 5 1.00 -4.19 0.50
CA CYS A 5 0.73 -2.86 1.08
C CYS A 5 1.89 -2.47 2.02
N ASN A 6 2.65 -1.42 1.64
CA ASN A 6 3.77 -0.89 2.46
C ASN A 6 3.25 -0.34 3.78
N PHE A 7 2.19 0.49 3.70
CA PHE A 7 1.48 0.99 4.87
C PHE A 7 0.63 -0.19 5.39
N VAL A 8 0.60 -0.36 6.72
CA VAL A 8 -0.05 -1.50 7.39
C VAL A 8 -1.59 -1.49 7.18
N TYR A 9 -2.11 -2.68 6.71
CA TYR A 9 -3.57 -3.00 6.56
C TYR A 9 -4.46 -1.89 5.93
N VAL A 10 -3.86 -1.08 5.04
CA VAL A 10 -4.56 0.02 4.33
C VAL A 10 -5.34 -0.50 3.10
N LYS A 11 -6.35 0.29 2.66
CA LYS A 11 -7.12 0.00 1.45
C LYS A 11 -7.16 1.27 0.54
N PRO A 12 -6.58 1.23 -0.71
CA PRO A 12 -5.75 0.10 -1.26
C PRO A 12 -4.33 0.09 -0.66
N CYS A 13 -3.34 -0.50 -1.36
CA CYS A 13 -1.95 -0.57 -0.86
C CYS A 13 -1.18 0.79 -0.96
N ARG A 14 -1.77 1.86 -0.39
CA ARG A 14 -1.13 3.19 -0.29
C ARG A 14 0.11 3.15 0.65
N GLY A 15 0.90 4.24 0.64
CA GLY A 15 2.15 4.31 1.40
C GLY A 15 3.31 3.62 0.70
N GLY A 16 3.08 3.16 -0.55
CA GLY A 16 4.09 2.46 -1.34
C GLY A 16 5.03 3.40 -2.08
N ARG A 17 4.55 4.65 -2.33
CA ARG A 17 5.33 5.69 -3.04
C ARG A 17 6.66 6.04 -2.29
N LEU A 1 0.80 0.84 -5.81
CA LEU A 1 1.26 -0.53 -6.10
C LEU A 1 0.04 -1.41 -6.43
N VAL A 2 0.20 -2.35 -7.40
CA VAL A 2 -0.88 -3.26 -7.80
C VAL A 2 -1.20 -4.27 -6.67
N SER A 3 -0.16 -4.67 -5.91
CA SER A 3 -0.29 -5.54 -4.73
C SER A 3 0.83 -5.22 -3.72
N GLY A 4 0.65 -5.68 -2.47
CA GLY A 4 1.65 -5.47 -1.41
C GLY A 4 1.65 -4.05 -0.88
N CYS A 5 0.84 -3.79 0.14
CA CYS A 5 0.71 -2.46 0.76
C CYS A 5 1.79 -2.30 1.86
N ASN A 6 2.66 -1.28 1.72
CA ASN A 6 3.71 -0.99 2.74
C ASN A 6 3.06 -0.49 4.04
N PHE A 7 2.07 0.40 3.89
CA PHE A 7 1.24 0.86 5.01
C PHE A 7 0.18 -0.22 5.32
N VAL A 8 -0.06 -0.46 6.61
CA VAL A 8 -0.97 -1.51 7.08
C VAL A 8 -2.42 -1.27 6.60
N TYR A 9 -3.02 -2.34 6.01
CA TYR A 9 -4.44 -2.43 5.57
C TYR A 9 -5.01 -1.14 4.91
N VAL A 10 -4.24 -0.57 3.98
CA VAL A 10 -4.67 0.61 3.18
C VAL A 10 -5.19 0.18 1.80
N LYS A 11 -6.11 0.97 1.21
CA LYS A 11 -6.69 0.69 -0.12
C LYS A 11 -6.70 2.01 -0.94
N PRO A 12 -5.93 2.12 -2.07
CA PRO A 12 -5.07 1.04 -2.64
C PRO A 12 -3.72 0.91 -1.89
N CYS A 13 -2.80 0.07 -2.42
CA CYS A 13 -1.45 -0.13 -1.86
C CYS A 13 -0.54 1.08 -2.15
N ARG A 14 -0.77 2.18 -1.40
CA ARG A 14 0.07 3.38 -1.44
C ARG A 14 1.49 3.09 -0.88
N GLY A 15 2.39 4.05 -1.10
CA GLY A 15 3.83 3.88 -0.87
C GLY A 15 4.64 4.11 -2.14
N GLY A 16 3.94 4.30 -3.27
CA GLY A 16 4.55 4.68 -4.54
C GLY A 16 4.66 6.19 -4.68
N ARG A 17 4.28 6.71 -5.88
CA ARG A 17 4.25 8.17 -6.18
C ARG A 17 5.65 8.83 -6.06
N LEU A 1 0.14 1.68 -6.39
CA LEU A 1 0.68 0.31 -6.33
C LEU A 1 -0.48 -0.68 -6.45
N VAL A 2 -0.51 -1.48 -7.55
CA VAL A 2 -1.50 -2.56 -7.74
C VAL A 2 -1.20 -3.75 -6.80
N SER A 3 0.03 -3.77 -6.23
CA SER A 3 0.49 -4.78 -5.27
C SER A 3 1.43 -4.13 -4.23
N GLY A 4 1.19 -4.41 -2.93
CA GLY A 4 2.08 -3.98 -1.85
C GLY A 4 1.79 -2.55 -1.37
N CYS A 5 1.11 -2.43 -0.21
CA CYS A 5 0.84 -1.14 0.45
C CYS A 5 1.95 -0.82 1.48
N ASN A 6 2.48 0.42 1.43
CA ASN A 6 3.55 0.90 2.34
C ASN A 6 3.03 0.97 3.78
N PHE A 7 1.90 1.67 3.96
CA PHE A 7 1.16 1.67 5.22
C PHE A 7 0.33 0.38 5.29
N VAL A 8 0.35 -0.29 6.45
CA VAL A 8 -0.32 -1.58 6.64
C VAL A 8 -1.86 -1.45 6.69
N TYR A 9 -2.56 -2.45 6.11
CA TYR A 9 -4.04 -2.60 6.06
C TYR A 9 -4.83 -1.32 5.63
N VAL A 10 -4.17 -0.38 4.93
CA VAL A 10 -4.84 0.85 4.41
C VAL A 10 -5.43 0.57 3.00
N LYS A 11 -6.26 1.51 2.51
CA LYS A 11 -6.89 1.42 1.19
C LYS A 11 -6.95 2.85 0.59
N PRO A 12 -6.28 3.12 -0.59
CA PRO A 12 -5.41 2.16 -1.35
C PRO A 12 -3.99 2.07 -0.78
N CYS A 13 -3.01 1.66 -1.62
CA CYS A 13 -1.57 1.59 -1.25
C CYS A 13 -0.88 2.99 -1.30
N ARG A 14 -1.63 4.04 -0.90
CA ARG A 14 -1.16 5.43 -0.85
C ARG A 14 -0.11 5.66 0.25
N GLY A 15 0.49 6.87 0.20
CA GLY A 15 1.49 7.30 1.17
C GLY A 15 2.79 6.51 1.07
N GLY A 16 3.13 6.08 -0.16
CA GLY A 16 4.30 5.26 -0.42
C GLY A 16 4.72 5.23 -1.89
N ARG A 17 4.31 6.26 -2.66
CA ARG A 17 4.75 6.43 -4.05
C ARG A 17 6.00 7.34 -4.07
N LEU A 1 0.72 -0.24 -5.45
CA LEU A 1 0.95 -1.33 -4.51
C LEU A 1 -0.25 -2.29 -4.54
N VAL A 2 -0.17 -3.28 -5.45
CA VAL A 2 -1.12 -4.42 -5.52
C VAL A 2 -0.55 -5.62 -4.72
N SER A 3 0.79 -5.66 -4.61
CA SER A 3 1.54 -6.70 -3.91
C SER A 3 2.32 -6.06 -2.75
N GLY A 4 2.03 -6.46 -1.50
CA GLY A 4 2.66 -5.87 -0.31
C GLY A 4 1.94 -4.59 0.14
N CYS A 5 2.00 -4.30 1.46
CA CYS A 5 1.37 -3.11 2.05
C CYS A 5 2.34 -2.46 3.05
N ASN A 6 2.59 -1.14 2.87
CA ASN A 6 3.62 -0.39 3.63
C ASN A 6 3.26 -0.27 5.11
N PHE A 7 2.08 0.30 5.38
CA PHE A 7 1.56 0.50 6.73
C PHE A 7 0.70 -0.71 7.13
N VAL A 8 0.45 -0.85 8.46
CA VAL A 8 -0.29 -1.99 9.03
C VAL A 8 -1.79 -1.97 8.63
N TYR A 9 -2.22 -3.09 8.00
CA TYR A 9 -3.63 -3.41 7.60
C TYR A 9 -4.40 -2.24 6.92
N VAL A 10 -3.67 -1.34 6.23
CA VAL A 10 -4.28 -0.16 5.59
C VAL A 10 -4.86 -0.51 4.20
N LYS A 11 -5.87 0.29 3.81
CA LYS A 11 -6.48 0.23 2.49
C LYS A 11 -6.84 1.69 2.10
N PRO A 12 -6.22 2.28 1.02
CA PRO A 12 -5.19 1.62 0.18
C PRO A 12 -3.79 1.60 0.86
N CYS A 13 -2.83 0.95 0.18
CA CYS A 13 -1.45 0.81 0.68
C CYS A 13 -0.61 2.01 0.22
N ARG A 14 -0.90 3.17 0.85
CA ARG A 14 -0.18 4.44 0.61
C ARG A 14 1.28 4.37 1.10
N GLY A 15 2.07 5.39 0.73
CA GLY A 15 3.46 5.55 1.19
C GLY A 15 4.48 4.89 0.26
N GLY A 16 4.08 3.80 -0.43
CA GLY A 16 4.99 3.04 -1.29
C GLY A 16 5.11 3.58 -2.71
N ARG A 17 5.31 4.89 -2.81
CA ARG A 17 5.47 5.60 -4.10
C ARG A 17 6.24 6.92 -3.86
N LEU A 1 1.56 0.22 -6.16
CA LEU A 1 1.73 -1.17 -5.68
C LEU A 1 0.40 -1.91 -5.86
N VAL A 2 0.35 -2.85 -6.84
CA VAL A 2 -0.86 -3.64 -7.15
C VAL A 2 -1.20 -4.61 -5.98
N SER A 3 -0.16 -5.06 -5.27
CA SER A 3 -0.27 -5.84 -4.04
C SER A 3 0.90 -5.50 -3.10
N GLY A 4 0.77 -5.88 -1.82
CA GLY A 4 1.74 -5.52 -0.79
C GLY A 4 1.73 -4.03 -0.50
N CYS A 5 0.88 -3.60 0.45
CA CYS A 5 0.76 -2.19 0.85
C CYS A 5 1.80 -1.89 1.93
N ASN A 6 2.64 -0.86 1.70
CA ASN A 6 3.63 -0.37 2.71
C ASN A 6 2.91 -0.03 4.02
N PHE A 7 1.85 0.77 3.88
CA PHE A 7 0.94 1.12 4.97
C PHE A 7 -0.05 -0.06 5.14
N VAL A 8 -0.12 -0.63 6.35
CA VAL A 8 -0.94 -1.83 6.65
C VAL A 8 -2.45 -1.49 6.65
N TYR A 9 -3.26 -2.46 6.19
CA TYR A 9 -4.75 -2.42 6.12
C TYR A 9 -5.35 -1.09 5.56
N VAL A 10 -4.63 -0.43 4.64
CA VAL A 10 -5.13 0.79 3.94
C VAL A 10 -5.65 0.43 2.53
N LYS A 11 -6.52 1.28 1.97
CA LYS A 11 -7.06 1.11 0.61
C LYS A 11 -6.83 2.41 -0.19
N PRO A 12 -6.04 2.38 -1.32
CA PRO A 12 -5.24 1.21 -1.79
C PRO A 12 -3.84 1.19 -1.14
N CYS A 13 -2.81 0.62 -1.82
CA CYS A 13 -1.42 0.52 -1.29
C CYS A 13 -0.62 1.84 -1.42
N ARG A 14 -1.35 2.96 -1.36
CA ARG A 14 -0.82 4.34 -1.48
C ARG A 14 0.22 4.68 -0.39
N GLY A 15 0.98 5.76 -0.66
CA GLY A 15 2.07 6.19 0.22
C GLY A 15 3.42 5.86 -0.36
N GLY A 16 3.64 6.26 -1.62
CA GLY A 16 4.90 6.03 -2.32
C GLY A 16 4.77 4.94 -3.37
N ARG A 17 4.37 5.33 -4.59
CA ARG A 17 4.24 4.41 -5.75
C ARG A 17 5.64 4.24 -6.40
N LEU A 1 -1.04 1.75 -7.13
CA LEU A 1 0.08 0.76 -7.11
C LEU A 1 -0.48 -0.61 -7.53
N VAL A 2 0.23 -1.31 -8.46
CA VAL A 2 -0.19 -2.65 -8.94
C VAL A 2 -0.13 -3.69 -7.80
N SER A 3 0.82 -3.49 -6.88
CA SER A 3 0.98 -4.32 -5.67
C SER A 3 1.86 -3.56 -4.66
N GLY A 4 2.06 -4.16 -3.47
CA GLY A 4 3.00 -3.64 -2.47
C GLY A 4 2.46 -2.44 -1.70
N CYS A 5 1.71 -2.71 -0.62
CA CYS A 5 1.26 -1.67 0.32
C CYS A 5 2.33 -1.51 1.43
N ASN A 6 3.06 -0.37 1.42
CA ASN A 6 4.14 -0.12 2.43
C ASN A 6 3.55 0.43 3.73
N PHE A 7 2.51 1.28 3.62
CA PHE A 7 1.78 1.76 4.80
C PHE A 7 0.90 0.60 5.31
N VAL A 8 0.82 0.47 6.64
CA VAL A 8 0.07 -0.60 7.32
C VAL A 8 -1.47 -0.43 7.16
N TYR A 9 -2.14 -1.59 6.97
CA TYR A 9 -3.62 -1.78 6.85
C TYR A 9 -4.35 -0.81 5.86
N VAL A 10 -3.63 -0.18 4.92
CA VAL A 10 -4.24 0.75 3.96
C VAL A 10 -4.90 0.01 2.76
N LYS A 11 -5.99 0.60 2.24
CA LYS A 11 -6.65 0.15 1.01
C LYS A 11 -6.97 1.42 0.19
N PRO A 12 -6.40 1.62 -1.04
CA PRO A 12 -5.41 0.69 -1.68
C PRO A 12 -3.97 0.86 -1.12
N CYS A 13 -2.95 0.48 -1.91
CA CYS A 13 -1.52 0.52 -1.49
C CYS A 13 -0.93 1.94 -1.45
N ARG A 14 -1.72 2.95 -1.01
CA ARG A 14 -1.23 4.30 -0.72
C ARG A 14 -0.14 4.26 0.37
N GLY A 15 0.91 5.08 0.19
CA GLY A 15 2.12 4.99 1.01
C GLY A 15 3.09 3.93 0.51
N GLY A 16 2.68 3.20 -0.56
CA GLY A 16 3.52 2.20 -1.21
C GLY A 16 4.30 2.75 -2.39
N ARG A 17 4.57 4.07 -2.36
CA ARG A 17 5.22 4.80 -3.46
C ARG A 17 6.21 5.85 -2.86
N LEU A 1 1.20 0.05 -6.06
CA LEU A 1 1.54 -1.35 -5.74
C LEU A 1 0.25 -2.18 -5.76
N VAL A 2 0.14 -3.13 -6.69
CA VAL A 2 -1.07 -4.01 -6.79
C VAL A 2 -1.06 -5.07 -5.67
N SER A 3 0.14 -5.37 -5.15
CA SER A 3 0.36 -6.37 -4.10
C SER A 3 1.45 -5.86 -3.13
N GLY A 4 1.40 -6.34 -1.87
CA GLY A 4 2.40 -5.96 -0.87
C GLY A 4 2.23 -4.52 -0.38
N CYS A 5 1.49 -4.32 0.72
CA CYS A 5 1.23 -2.99 1.27
C CYS A 5 2.36 -2.61 2.24
N ASN A 6 3.03 -1.48 1.93
CA ASN A 6 4.19 -1.00 2.71
C ASN A 6 3.75 -0.46 4.07
N PHE A 7 2.72 0.41 4.06
CA PHE A 7 2.09 0.93 5.29
C PHE A 7 1.19 -0.14 5.93
N VAL A 8 1.01 -0.02 7.25
CA VAL A 8 0.25 -0.97 8.08
C VAL A 8 -1.25 -0.99 7.66
N TYR A 9 -1.68 -2.17 7.16
CA TYR A 9 -3.08 -2.50 6.79
C TYR A 9 -3.84 -1.37 6.04
N VAL A 10 -3.26 -0.91 4.92
CA VAL A 10 -3.85 0.15 4.05
C VAL A 10 -4.52 -0.45 2.80
N LYS A 11 -5.50 0.30 2.25
CA LYS A 11 -6.25 -0.11 1.05
C LYS A 11 -6.26 1.09 0.07
N PRO A 12 -5.66 0.97 -1.17
CA PRO A 12 -4.86 -0.21 -1.61
C PRO A 12 -3.43 -0.18 -1.01
N CYS A 13 -2.47 -0.88 -1.65
CA CYS A 13 -1.08 -0.96 -1.17
C CYS A 13 -0.24 0.30 -1.50
N ARG A 14 -0.88 1.48 -1.41
CA ARG A 14 -0.19 2.78 -1.50
C ARG A 14 0.79 2.99 -0.33
N GLY A 15 1.62 4.05 -0.44
CA GLY A 15 2.61 4.37 0.58
C GLY A 15 3.94 3.68 0.35
N GLY A 16 4.19 3.27 -0.90
CA GLY A 16 5.47 2.66 -1.29
C GLY A 16 6.17 3.42 -2.40
N ARG A 17 5.56 4.52 -2.86
CA ARG A 17 6.09 5.33 -3.97
C ARG A 17 7.07 6.40 -3.41
N LEU A 1 0.03 2.73 -6.57
CA LEU A 1 0.59 1.37 -6.38
C LEU A 1 -0.42 0.34 -6.90
N VAL A 2 -0.12 -0.23 -8.09
CA VAL A 2 -0.95 -1.26 -8.73
C VAL A 2 -0.84 -2.61 -7.97
N SER A 3 0.31 -2.82 -7.31
CA SER A 3 0.62 -4.07 -6.60
C SER A 3 0.82 -3.80 -5.09
N GLY A 4 -0.24 -4.08 -4.30
CA GLY A 4 -0.16 -4.10 -2.83
C GLY A 4 -0.34 -2.73 -2.15
N CYS A 5 -0.93 -2.76 -0.94
CA CYS A 5 -1.05 -1.60 -0.04
C CYS A 5 0.20 -1.53 0.85
N ASN A 6 1.06 -0.53 0.60
CA ASN A 6 2.31 -0.32 1.38
C ASN A 6 1.98 0.25 2.77
N PHE A 7 1.07 1.25 2.81
CA PHE A 7 0.28 1.56 4.01
C PHE A 7 -0.81 0.48 4.12
N VAL A 8 -0.81 -0.30 5.21
CA VAL A 8 -1.88 -1.28 5.47
C VAL A 8 -3.13 -0.57 6.04
N TYR A 9 -4.28 -1.28 6.01
CA TYR A 9 -5.61 -0.85 6.55
C TYR A 9 -6.23 0.42 5.91
N VAL A 10 -5.55 1.04 4.93
CA VAL A 10 -6.02 2.30 4.29
C VAL A 10 -6.75 1.98 2.97
N LYS A 11 -7.39 3.01 2.39
CA LYS A 11 -8.08 2.94 1.08
C LYS A 11 -7.75 4.25 0.33
N PRO A 12 -7.08 4.23 -0.88
CA PRO A 12 -6.66 3.01 -1.61
C PRO A 12 -5.31 2.44 -1.10
N CYS A 13 -4.61 1.67 -1.96
CA CYS A 13 -3.28 1.07 -1.66
C CYS A 13 -2.14 2.11 -1.73
N ARG A 14 -2.24 3.21 -0.97
CA ARG A 14 -1.20 4.27 -0.92
C ARG A 14 0.11 3.75 -0.27
N GLY A 15 1.15 4.59 -0.32
CA GLY A 15 2.51 4.22 0.05
C GLY A 15 3.47 4.50 -1.08
N GLY A 16 3.41 5.75 -1.57
CA GLY A 16 4.23 6.19 -2.69
C GLY A 16 3.96 7.65 -3.03
N ARG A 17 3.96 7.96 -4.34
CA ARG A 17 3.68 9.31 -4.90
C ARG A 17 4.74 10.35 -4.42
#